data_6GCR
#
_entry.id   6GCR
#
_cell.length_a   46.088
_cell.length_b   44.900
_cell.length_c   66.400
_cell.angle_alpha   90.00
_cell.angle_beta   94.81
_cell.angle_gamma   90.00
#
_symmetry.space_group_name_H-M   'P 1 21 1'
#
loop_
_entity.id
_entity.type
_entity.pdbx_description
1 polymer 'Focal adhesion kinase 1'
2 non-polymer 2-[[2-[[4-[[[3,4-bis(oxidanylidene)-2-[2-(propanoylamino)ethylamino]cyclobuten-1-yl]amino]methyl]phenyl]amino]-5-chloranyl-pyrimidin-4-yl]amino]-~{N}-methyl-benzamide
3 water water
#
_entity_poly.entity_id   1
_entity_poly.type   'polypeptide(L)'
_entity_poly.pdbx_seq_one_letter_code
;STRDYEIQRERIELGRCIGEGQFGDVHQGIYMSPENPAMAVAIKTCKNCTSDSVREKFLQEALTMRQFDHPHIVKLIGVI
TENPVWIIMELCTLGELRSFLQVRKFSLDLASLILYAYQLSTALAYLESKRFVHRDIAARNVLVSATDCVKLGDFGLSRY
MEDSTYYKASKGKLPIKWMAPESINFRRFTSASDVWMFGVCMWEILMHGVKPFQGVKNNDVIGRIENGERLPMPPNCPPT
LYSLMTKCWAYDPSRRPRFTELKAQLSTILEEEKLQ
;
_entity_poly.pdbx_strand_id   A
#
loop_
_chem_comp.id
_chem_comp.type
_chem_comp.name
_chem_comp.formula
EUW non-polymer 2-[[2-[[4-[[[3,4-bis(oxidanylidene)-2-[2-(propanoylamino)ethylamino]cyclobuten-1-yl]amino]methyl]phenyl]amino]-5-chloranyl-pyrimidin-4-yl]amino]-~{N}-methyl-benzamide 'C28 H29 Cl N8 O4'
#
# COMPACT_ATOMS: atom_id res chain seq x y z
N ARG A 3 -5.11 -18.70 -15.27
CA ARG A 3 -5.53 -20.07 -15.57
C ARG A 3 -6.23 -20.70 -14.38
N ASP A 4 -5.54 -21.66 -13.75
CA ASP A 4 -6.00 -22.32 -12.53
C ASP A 4 -5.15 -21.79 -11.37
N TYR A 5 -5.79 -21.06 -10.46
CA TYR A 5 -5.13 -20.54 -9.27
C TYR A 5 -5.14 -21.54 -8.11
N GLU A 6 -5.73 -22.71 -8.29
CA GLU A 6 -5.66 -23.73 -7.26
C GLU A 6 -4.23 -24.25 -7.16
N ILE A 7 -3.71 -24.32 -5.93
CA ILE A 7 -2.33 -24.72 -5.67
C ILE A 7 -2.35 -25.94 -4.77
N GLN A 8 -1.53 -26.93 -5.12
CA GLN A 8 -1.32 -28.07 -4.24
C GLN A 8 -0.55 -27.67 -2.99
N ARG A 9 -1.04 -28.08 -1.83
CA ARG A 9 -0.40 -27.68 -0.59
C ARG A 9 1.03 -28.20 -0.52
N GLU A 10 1.31 -29.34 -1.15
CA GLU A 10 2.62 -29.95 -1.02
C GLU A 10 3.69 -29.16 -1.76
N ARG A 11 3.29 -28.20 -2.60
CA ARG A 11 4.26 -27.34 -3.23
C ARG A 11 4.68 -26.18 -2.35
N ILE A 12 3.94 -25.93 -1.27
CA ILE A 12 4.17 -24.80 -0.40
C ILE A 12 4.88 -25.26 0.85
N GLU A 13 5.94 -24.54 1.22
CA GLU A 13 6.67 -24.75 2.46
C GLU A 13 6.51 -23.48 3.29
N LEU A 14 5.72 -23.57 4.36
CA LEU A 14 5.43 -22.40 5.18
C LEU A 14 6.60 -22.11 6.09
N GLY A 15 6.95 -20.83 6.15
CA GLY A 15 8.05 -20.44 7.01
C GLY A 15 7.56 -19.59 8.15
N ARG A 16 8.36 -18.57 8.49
CA ARG A 16 8.10 -17.78 9.69
C ARG A 16 6.91 -16.85 9.53
N CYS A 17 6.26 -16.55 10.65
CA CYS A 17 5.20 -15.57 10.63
C CYS A 17 5.81 -14.21 10.33
N ILE A 18 5.10 -13.39 9.55
CA ILE A 18 5.53 -12.03 9.27
C ILE A 18 4.46 -10.99 9.61
N GLY A 19 3.34 -11.39 10.16
CA GLY A 19 2.33 -10.45 10.57
C GLY A 19 1.00 -11.14 10.78
N GLU A 20 0.00 -10.33 11.07
CA GLU A 20 -1.34 -10.81 11.34
C GLU A 20 -2.35 -9.98 10.55
N GLY A 21 -3.46 -10.61 10.18
CA GLY A 21 -4.58 -9.91 9.59
C GLY A 21 -5.87 -10.35 10.25
N GLN A 22 -6.97 -9.73 9.80
CA GLN A 22 -8.29 -10.01 10.36
C GLN A 22 -8.61 -11.51 10.44
N PHE A 23 -8.01 -12.35 9.59
CA PHE A 23 -8.39 -13.76 9.50
C PHE A 23 -7.34 -14.72 10.03
N GLY A 24 -6.09 -14.29 10.15
CA GLY A 24 -5.05 -15.19 10.62
C GLY A 24 -3.66 -14.61 10.38
N ASP A 25 -2.66 -15.42 10.69
CA ASP A 25 -1.29 -14.97 10.55
C ASP A 25 -0.87 -15.00 9.08
N VAL A 26 0.14 -14.19 8.77
CA VAL A 26 0.73 -14.14 7.44
C VAL A 26 2.15 -14.68 7.59
N HIS A 27 2.52 -15.63 6.75
CA HIS A 27 3.80 -16.28 6.81
C HIS A 27 4.57 -15.98 5.52
N GLN A 28 5.89 -15.95 5.61
CA GLN A 28 6.62 -16.12 4.37
C GLN A 28 6.80 -17.60 4.11
N GLY A 29 7.29 -17.93 2.92
CA GLY A 29 7.43 -19.32 2.54
C GLY A 29 7.84 -19.42 1.08
N ILE A 30 7.84 -20.66 0.61
CA ILE A 30 8.39 -20.99 -0.69
C ILE A 30 7.37 -21.82 -1.44
N TYR A 31 7.14 -21.48 -2.70
CA TYR A 31 6.33 -22.31 -3.57
C TYR A 31 7.28 -23.04 -4.54
N MET A 32 7.26 -24.38 -4.50
CA MET A 32 8.12 -25.24 -5.29
C MET A 32 7.38 -25.78 -6.51
N SER A 33 8.09 -25.88 -7.63
CA SER A 33 7.50 -26.49 -8.81
C SER A 33 8.52 -27.36 -9.51
N PRO A 34 8.14 -28.55 -9.97
CA PRO A 34 9.05 -29.39 -10.75
C PRO A 34 9.81 -28.58 -11.79
N GLU A 35 11.13 -28.80 -11.83
CA GLU A 35 12.05 -28.35 -12.87
C GLU A 35 12.27 -26.83 -12.89
N ASN A 36 11.76 -26.08 -11.91
CA ASN A 36 11.79 -24.62 -11.93
C ASN A 36 12.18 -24.08 -10.57
N PRO A 37 12.83 -22.90 -10.51
CA PRO A 37 13.39 -22.44 -9.23
C PRO A 37 12.32 -22.17 -8.18
N ALA A 38 12.71 -22.31 -6.92
CA ALA A 38 11.80 -22.03 -5.84
C ALA A 38 11.46 -20.53 -5.83
N MET A 39 10.19 -20.24 -5.54
CA MET A 39 9.67 -18.88 -5.57
C MET A 39 9.29 -18.44 -4.16
N ALA A 40 9.82 -17.31 -3.71
CA ALA A 40 9.47 -16.85 -2.38
C ALA A 40 8.07 -16.24 -2.40
N VAL A 41 7.27 -16.59 -1.38
CA VAL A 41 5.88 -16.20 -1.31
C VAL A 41 5.52 -15.80 0.11
N ALA A 42 4.44 -15.05 0.24
CA ALA A 42 3.80 -14.76 1.51
C ALA A 42 2.48 -15.50 1.56
N ILE A 43 2.15 -16.07 2.72
CA ILE A 43 0.98 -16.94 2.83
C ILE A 43 0.08 -16.39 3.92
N LYS A 44 -1.10 -15.91 3.51
CA LYS A 44 -2.17 -15.57 4.44
C LYS A 44 -2.90 -16.84 4.86
N THR A 45 -2.97 -17.06 6.16
CA THR A 45 -3.74 -18.15 6.73
C THR A 45 -5.01 -17.58 7.36
N CYS A 46 -5.99 -18.46 7.54
CA CYS A 46 -7.27 -18.08 8.13
C CYS A 46 -7.69 -19.05 9.23
N LYS A 47 -7.83 -18.53 10.44
CA LYS A 47 -8.22 -19.31 11.61
C LYS A 47 -9.63 -19.89 11.60
N ASN A 48 -10.59 -19.08 11.15
CA ASN A 48 -12.01 -19.44 11.16
C ASN A 48 -12.60 -19.88 9.83
N CYS A 49 -11.74 -20.33 8.92
CA CYS A 49 -12.20 -20.74 7.60
C CYS A 49 -13.13 -21.94 7.49
N THR A 50 -13.21 -22.79 8.52
CA THR A 50 -14.11 -23.92 8.40
C THR A 50 -15.55 -23.48 8.14
N SER A 51 -15.93 -22.32 8.69
CA SER A 51 -17.26 -21.76 8.48
C SER A 51 -17.32 -21.10 7.11
N ASP A 52 -18.38 -21.42 6.37
CA ASP A 52 -18.51 -20.99 4.97
C ASP A 52 -18.59 -19.48 4.83
N SER A 53 -19.06 -18.77 5.86
CA SER A 53 -19.22 -17.33 5.70
C SER A 53 -17.89 -16.62 5.87
N VAL A 54 -17.09 -17.02 6.86
CA VAL A 54 -15.74 -16.49 6.98
C VAL A 54 -14.91 -16.88 5.76
N ARG A 55 -15.00 -18.14 5.34
CA ARG A 55 -14.20 -18.62 4.21
C ARG A 55 -14.49 -17.83 2.94
N GLU A 56 -15.74 -17.46 2.71
CA GLU A 56 -16.06 -16.74 1.48
C GLU A 56 -15.57 -15.30 1.56
N LYS A 57 -15.52 -14.72 2.76
CA LYS A 57 -14.94 -13.40 2.96
C LYS A 57 -13.43 -13.43 2.75
N PHE A 58 -12.77 -14.43 3.35
CA PHE A 58 -11.34 -14.63 3.19
C PHE A 58 -10.95 -14.77 1.72
N LEU A 59 -11.58 -15.71 1.02
CA LEU A 59 -11.23 -15.96 -0.38
C LEU A 59 -11.58 -14.80 -1.28
N GLN A 60 -12.55 -13.97 -0.90
CA GLN A 60 -12.84 -12.81 -1.72
C GLN A 60 -11.65 -11.88 -1.79
N GLU A 61 -10.75 -11.93 -0.81
CA GLU A 61 -9.59 -11.05 -0.87
C GLU A 61 -8.62 -11.46 -1.97
N ALA A 62 -8.43 -12.77 -2.17
CA ALA A 62 -7.64 -13.23 -3.33
C ALA A 62 -8.29 -12.81 -4.64
N LEU A 63 -9.60 -12.98 -4.75
CA LEU A 63 -10.29 -12.62 -5.99
C LEU A 63 -10.17 -11.13 -6.28
N THR A 64 -10.17 -10.30 -5.23
CA THR A 64 -9.88 -8.88 -5.42
C THR A 64 -8.47 -8.68 -5.99
N MET A 65 -7.46 -9.35 -5.41
CA MET A 65 -6.11 -9.17 -5.96
C MET A 65 -5.98 -9.79 -7.35
N ARG A 66 -6.78 -10.82 -7.65
CA ARG A 66 -6.73 -11.46 -8.96
C ARG A 66 -7.04 -10.48 -10.09
N GLN A 67 -7.82 -9.43 -9.80
CA GLN A 67 -8.23 -8.52 -10.84
C GLN A 67 -7.09 -7.70 -11.39
N PHE A 68 -5.97 -7.60 -10.69
CA PHE A 68 -4.96 -6.61 -11.04
C PHE A 68 -3.67 -7.24 -11.54
N ASP A 69 -3.03 -6.51 -12.44
CA ASP A 69 -1.80 -6.96 -13.06
C ASP A 69 -0.97 -5.71 -13.31
N HIS A 70 -0.02 -5.44 -12.41
CA HIS A 70 0.75 -4.23 -12.45
C HIS A 70 2.06 -4.47 -11.71
N PRO A 71 3.18 -3.93 -12.21
CA PRO A 71 4.46 -4.17 -11.55
C PRO A 71 4.50 -3.78 -10.08
N HIS A 72 3.81 -2.70 -9.72
CA HIS A 72 3.98 -2.12 -8.40
C HIS A 72 2.78 -2.40 -7.50
N ILE A 73 2.08 -3.50 -7.76
CA ILE A 73 1.07 -4.07 -6.88
C ILE A 73 1.40 -5.55 -6.73
N VAL A 74 1.30 -6.08 -5.50
CA VAL A 74 1.57 -7.49 -5.29
C VAL A 74 0.61 -8.33 -6.12
N LYS A 75 1.13 -9.37 -6.75
CA LYS A 75 0.34 -10.27 -7.58
C LYS A 75 -0.06 -11.51 -6.78
N LEU A 76 -1.29 -11.97 -7.04
CA LEU A 76 -1.74 -13.23 -6.45
C LEU A 76 -1.05 -14.36 -7.19
N ILE A 77 -0.65 -15.40 -6.45
CA ILE A 77 -0.03 -16.58 -7.05
C ILE A 77 -1.07 -17.68 -7.21
N GLY A 78 -1.72 -18.05 -6.10
CA GLY A 78 -2.75 -19.07 -6.16
C GLY A 78 -3.44 -19.12 -4.83
N VAL A 79 -4.41 -20.03 -4.72
CA VAL A 79 -5.07 -20.34 -3.45
C VAL A 79 -5.05 -21.84 -3.22
N ILE A 80 -5.24 -22.21 -1.96
CA ILE A 80 -5.53 -23.57 -1.54
C ILE A 80 -6.91 -23.50 -0.90
N THR A 81 -7.83 -24.30 -1.41
CA THR A 81 -9.21 -24.18 -0.93
C THR A 81 -9.57 -25.21 0.12
N GLU A 82 -8.77 -26.26 0.26
CA GLU A 82 -9.02 -27.28 1.27
C GLU A 82 -8.46 -26.80 2.60
N ASN A 83 -9.25 -26.98 3.65
CA ASN A 83 -8.91 -26.41 4.94
C ASN A 83 -7.62 -27.03 5.47
N PRO A 84 -6.74 -26.24 6.11
CA PRO A 84 -6.93 -24.78 6.25
C PRO A 84 -6.74 -24.02 4.94
N VAL A 85 -7.58 -23.02 4.68
CA VAL A 85 -7.52 -22.27 3.42
C VAL A 85 -6.39 -21.26 3.50
N TRP A 86 -5.61 -21.16 2.41
CA TRP A 86 -4.45 -20.28 2.31
C TRP A 86 -4.49 -19.48 1.01
N ILE A 87 -4.06 -18.22 1.11
CA ILE A 87 -3.88 -17.34 -0.05
C ILE A 87 -2.39 -17.15 -0.26
N ILE A 88 -1.90 -17.49 -1.44
CA ILE A 88 -0.48 -17.40 -1.74
C ILE A 88 -0.25 -16.13 -2.55
N MET A 89 0.62 -15.24 -2.07
CA MET A 89 0.97 -14.03 -2.82
C MET A 89 2.48 -14.01 -3.09
N GLU A 90 2.89 -13.12 -3.99
CA GLU A 90 4.32 -12.86 -4.18
C GLU A 90 4.92 -12.27 -2.92
N LEU A 91 6.15 -12.65 -2.62
CA LEU A 91 6.91 -12.03 -1.54
C LEU A 91 7.62 -10.77 -2.04
N CYS A 92 7.44 -9.69 -1.31
CA CYS A 92 8.36 -8.55 -1.31
C CYS A 92 9.29 -8.78 -0.14
N THR A 93 10.53 -9.19 -0.43
CA THR A 93 11.37 -9.81 0.58
C THR A 93 12.06 -8.82 1.49
N LEU A 94 11.97 -7.52 1.24
CA LEU A 94 12.57 -6.56 2.14
C LEU A 94 11.56 -5.99 3.13
N GLY A 95 10.31 -6.40 3.05
CA GLY A 95 9.37 -6.11 4.12
C GLY A 95 8.58 -4.84 3.95
N GLU A 96 8.14 -4.28 5.07
CA GLU A 96 7.26 -3.11 5.05
C GLU A 96 8.06 -1.83 4.83
N LEU A 97 7.46 -0.87 4.10
CA LEU A 97 8.16 0.34 3.69
C LEU A 97 8.66 1.15 4.88
N ARG A 98 7.79 1.39 5.88
CA ARG A 98 8.14 2.29 6.98
C ARG A 98 9.36 1.80 7.72
N SER A 99 9.30 0.55 8.20
CA SER A 99 10.43 -0.06 8.88
C SER A 99 11.67 0.00 8.01
N PHE A 100 11.52 -0.33 6.72
CA PHE A 100 12.64 -0.20 5.79
C PHE A 100 13.24 1.19 5.83
N LEU A 101 12.38 2.22 5.82
CA LEU A 101 12.86 3.61 5.77
C LEU A 101 13.55 4.05 7.06
N GLN A 102 13.00 3.71 8.23
CA GLN A 102 13.64 4.11 9.47
C GLN A 102 15.08 3.59 9.55
N VAL A 103 15.29 2.32 9.22
CA VAL A 103 16.62 1.74 9.44
C VAL A 103 17.56 1.98 8.27
N ARG A 104 17.06 2.30 7.08
CA ARG A 104 17.92 2.55 5.93
C ARG A 104 18.06 4.04 5.64
N LYS A 105 17.87 4.89 6.66
CA LYS A 105 17.89 6.34 6.45
C LYS A 105 19.21 6.80 5.84
N PHE A 106 20.33 6.56 6.54
CA PHE A 106 21.63 6.99 6.06
C PHE A 106 22.11 6.25 4.80
N SER A 107 21.34 5.32 4.26
CA SER A 107 21.75 4.56 3.08
C SER A 107 20.97 4.91 1.83
N LEU A 108 19.88 5.66 1.94
CA LEU A 108 19.12 6.08 0.79
C LEU A 108 19.26 7.58 0.58
N ASP A 109 19.03 8.00 -0.65
CA ASP A 109 19.03 9.42 -0.95
C ASP A 109 17.60 9.89 -1.20
N LEU A 110 17.48 11.21 -1.35
CA LEU A 110 16.23 11.81 -1.78
C LEU A 110 15.77 11.24 -3.13
N ALA A 111 16.70 10.89 -4.01
CA ALA A 111 16.31 10.34 -5.30
C ALA A 111 15.57 9.02 -5.13
N SER A 112 15.96 8.21 -4.15
CA SER A 112 15.29 6.94 -3.92
C SER A 112 13.86 7.16 -3.44
N LEU A 113 13.69 8.09 -2.51
CA LEU A 113 12.36 8.33 -1.96
C LEU A 113 11.40 8.82 -3.04
N ILE A 114 11.88 9.68 -3.94
CA ILE A 114 10.98 10.16 -4.97
C ILE A 114 10.64 9.03 -5.93
N LEU A 115 11.59 8.12 -6.17
CA LEU A 115 11.30 6.91 -6.94
C LEU A 115 10.13 6.14 -6.36
N TYR A 116 10.13 5.88 -5.05
CA TYR A 116 9.03 5.14 -4.45
C TYR A 116 7.70 5.82 -4.72
N ALA A 117 7.67 7.14 -4.54
CA ALA A 117 6.45 7.89 -4.78
C ALA A 117 6.01 7.77 -6.23
N TYR A 118 6.96 7.89 -7.16
CA TYR A 118 6.62 7.69 -8.56
C TYR A 118 6.10 6.27 -8.82
N GLN A 119 6.69 5.26 -8.17
CA GLN A 119 6.24 3.89 -8.41
C GLN A 119 4.83 3.67 -7.86
N LEU A 120 4.58 4.18 -6.66
CA LEU A 120 3.26 4.02 -6.08
C LEU A 120 2.21 4.76 -6.90
N SER A 121 2.61 5.85 -7.56
CA SER A 121 1.65 6.62 -8.35
C SER A 121 1.23 5.86 -9.61
N THR A 122 2.18 5.18 -10.27
CA THR A 122 1.81 4.31 -11.39
C THR A 122 0.81 3.26 -10.97
N ALA A 123 1.04 2.62 -9.83
CA ALA A 123 0.09 1.66 -9.30
C ALA A 123 -1.26 2.30 -9.07
N LEU A 124 -1.28 3.52 -8.53
CA LEU A 124 -2.55 4.14 -8.16
C LEU A 124 -3.27 4.75 -9.36
N ALA A 125 -2.52 5.28 -10.33
CA ALA A 125 -3.13 5.63 -11.61
C ALA A 125 -3.75 4.38 -12.25
N TYR A 126 -2.97 3.30 -12.34
CA TYR A 126 -3.51 2.06 -12.87
C TYR A 126 -4.84 1.72 -12.23
N LEU A 127 -4.91 1.81 -10.91
CA LEU A 127 -6.15 1.47 -10.22
C LEU A 127 -7.22 2.48 -10.50
N GLU A 128 -6.83 3.73 -10.79
CA GLU A 128 -7.77 4.77 -11.15
C GLU A 128 -8.34 4.53 -12.53
N SER A 129 -7.53 3.98 -13.44
CA SER A 129 -8.04 3.70 -14.77
C SER A 129 -9.01 2.54 -14.73
N LYS A 130 -8.82 1.61 -13.80
CA LYS A 130 -9.77 0.53 -13.52
C LYS A 130 -10.94 1.00 -12.65
N ARG A 131 -11.00 2.29 -12.32
CA ARG A 131 -12.04 2.87 -11.48
C ARG A 131 -12.21 2.11 -10.17
N PHE A 132 -11.08 1.63 -9.63
CA PHE A 132 -11.03 0.96 -8.33
C PHE A 132 -10.61 1.95 -7.25
N VAL A 133 -11.21 1.85 -6.07
CA VAL A 133 -10.99 2.79 -4.98
C VAL A 133 -10.37 2.02 -3.83
N HIS A 134 -9.15 2.41 -3.46
CA HIS A 134 -8.34 1.66 -2.52
C HIS A 134 -8.85 1.83 -1.09
N ARG A 135 -8.95 3.09 -0.65
CA ARG A 135 -9.45 3.53 0.65
C ARG A 135 -8.39 3.43 1.74
N ASP A 136 -7.21 2.86 1.48
CA ASP A 136 -6.25 2.60 2.53
C ASP A 136 -4.82 2.78 2.03
N ILE A 137 -4.54 3.92 1.40
CA ILE A 137 -3.17 4.25 1.04
C ILE A 137 -2.49 4.83 2.28
N ALA A 138 -1.29 4.35 2.55
CA ALA A 138 -0.53 4.72 3.74
C ALA A 138 0.80 4.03 3.62
N ALA A 139 1.88 4.62 4.09
CA ALA A 139 3.19 3.95 3.97
C ALA A 139 3.17 2.57 4.63
N ARG A 140 2.39 2.39 5.71
CA ARG A 140 2.33 1.11 6.41
C ARG A 140 1.86 -0.03 5.50
N ASN A 141 1.22 0.29 4.38
CA ASN A 141 0.63 -0.70 3.48
C ASN A 141 1.46 -0.92 2.23
N VAL A 142 2.61 -0.27 2.13
CA VAL A 142 3.55 -0.41 1.02
C VAL A 142 4.63 -1.40 1.45
N LEU A 143 5.05 -2.24 0.51
CA LEU A 143 6.05 -3.27 0.76
C LEU A 143 7.27 -3.03 -0.13
N VAL A 144 8.40 -3.63 0.22
CA VAL A 144 9.65 -3.38 -0.48
C VAL A 144 10.13 -4.67 -1.14
N SER A 145 10.16 -4.68 -2.48
CA SER A 145 10.61 -5.81 -3.28
C SER A 145 12.11 -5.73 -3.57
N ALA A 146 12.69 -4.52 -3.55
CA ALA A 146 14.08 -4.25 -3.87
C ALA A 146 14.34 -2.81 -3.49
N THR A 147 15.63 -2.45 -3.33
CA THR A 147 15.98 -1.08 -2.99
C THR A 147 15.46 -0.08 -4.01
N ASP A 148 15.12 -0.55 -5.21
CA ASP A 148 14.59 0.32 -6.25
C ASP A 148 13.18 -0.10 -6.69
N CYS A 149 12.45 -0.83 -5.83
CA CYS A 149 11.14 -1.35 -6.22
C CYS A 149 10.28 -1.53 -4.96
N VAL A 150 9.20 -0.75 -4.88
CA VAL A 150 8.20 -0.91 -3.84
C VAL A 150 6.87 -1.20 -4.52
N LYS A 151 5.93 -1.74 -3.74
CA LYS A 151 4.65 -2.23 -4.25
C LYS A 151 3.56 -2.00 -3.21
N LEU A 152 2.35 -1.72 -3.69
CA LEU A 152 1.19 -1.75 -2.80
C LEU A 152 0.98 -3.18 -2.29
N GLY A 153 0.89 -3.33 -0.98
CA GLY A 153 0.68 -4.65 -0.43
C GLY A 153 -0.72 -5.20 -0.67
N ASP A 154 -1.01 -6.27 0.06
CA ASP A 154 -2.28 -6.96 -0.14
C ASP A 154 -3.41 -6.03 0.27
N PHE A 155 -4.35 -5.82 -0.64
CA PHE A 155 -5.46 -4.88 -0.38
C PHE A 155 -6.24 -5.28 0.86
N GLY A 156 -6.39 -6.58 1.12
CA GLY A 156 -7.16 -7.02 2.26
C GLY A 156 -6.44 -6.79 3.58
N LEU A 157 -5.12 -6.99 3.58
CA LEU A 157 -4.30 -6.73 4.75
C LEU A 157 -4.15 -5.24 5.05
N SER A 158 -4.54 -4.38 4.11
CA SER A 158 -4.45 -2.95 4.29
C SER A 158 -5.62 -2.37 5.09
N ARG A 159 -6.71 -3.11 5.24
CA ARG A 159 -7.86 -2.52 5.92
C ARG A 159 -7.68 -2.64 7.44
N LEU A 174 -10.82 3.37 12.15
CA LEU A 174 -10.64 4.22 10.98
C LEU A 174 -9.26 4.89 10.95
N PRO A 175 -8.63 4.89 9.78
CA PRO A 175 -7.31 5.53 9.64
C PRO A 175 -7.42 7.05 9.56
N ILE A 176 -7.97 7.63 10.63
CA ILE A 176 -8.36 9.04 10.62
C ILE A 176 -7.23 9.92 10.09
N LYS A 177 -6.01 9.73 10.60
CA LYS A 177 -4.94 10.66 10.26
C LYS A 177 -4.51 10.59 8.80
N TRP A 178 -5.02 9.63 8.02
CA TRP A 178 -4.72 9.57 6.58
C TRP A 178 -5.87 10.04 5.70
N MET A 179 -7.08 10.19 6.24
CA MET A 179 -8.32 10.28 5.44
C MET A 179 -8.67 11.69 5.00
N ALA A 180 -9.24 11.79 3.80
CA ALA A 180 -9.75 13.05 3.30
C ALA A 180 -10.85 13.60 4.20
N PRO A 181 -11.09 14.91 4.17
CA PRO A 181 -12.19 15.45 4.99
C PRO A 181 -13.55 14.87 4.64
N GLU A 182 -13.87 14.73 3.35
CA GLU A 182 -15.14 14.14 2.94
C GLU A 182 -15.24 12.69 3.39
N SER A 183 -14.09 11.99 3.51
CA SER A 183 -14.09 10.63 4.00
C SER A 183 -14.48 10.57 5.46
N ILE A 184 -14.06 11.55 6.25
CA ILE A 184 -14.30 11.56 7.69
C ILE A 184 -15.71 12.04 8.00
N ASN A 185 -16.12 13.14 7.34
CA ASN A 185 -17.41 13.76 7.57
C ASN A 185 -18.59 13.00 6.97
N PHE A 186 -18.40 12.31 5.84
CA PHE A 186 -19.53 11.76 5.08
C PHE A 186 -19.29 10.31 4.65
N ARG A 187 -18.22 9.67 5.10
CA ARG A 187 -17.84 8.33 4.64
C ARG A 187 -17.84 8.23 3.11
N ARG A 188 -17.43 9.30 2.42
CA ARG A 188 -17.28 9.29 0.97
C ARG A 188 -15.86 8.87 0.62
N PHE A 189 -15.72 7.95 -0.32
CA PHE A 189 -14.44 7.33 -0.65
C PHE A 189 -14.33 7.24 -2.16
N THR A 190 -13.49 8.08 -2.77
CA THR A 190 -13.43 8.22 -4.21
C THR A 190 -11.96 8.21 -4.63
N SER A 191 -11.72 8.30 -5.95
CA SER A 191 -10.33 8.39 -6.39
C SER A 191 -9.71 9.67 -5.89
N ALA A 192 -10.48 10.74 -5.80
CA ALA A 192 -9.98 12.00 -5.26
C ALA A 192 -9.57 11.84 -3.80
N SER A 193 -10.32 11.03 -3.03
CA SER A 193 -9.97 10.88 -1.62
C SER A 193 -8.73 10.01 -1.48
N ASP A 194 -8.54 9.06 -2.42
CA ASP A 194 -7.29 8.31 -2.55
C ASP A 194 -6.11 9.25 -2.77
N VAL A 195 -6.32 10.29 -3.60
CA VAL A 195 -5.24 11.27 -3.88
C VAL A 195 -4.80 11.97 -2.59
N TRP A 196 -5.73 12.27 -1.69
CA TRP A 196 -5.36 12.87 -0.42
C TRP A 196 -4.48 11.91 0.38
N MET A 197 -5.01 10.73 0.69
CA MET A 197 -4.25 9.65 1.32
C MET A 197 -2.83 9.50 0.75
N PHE A 198 -2.72 9.45 -0.58
CA PHE A 198 -1.42 9.30 -1.21
C PHE A 198 -0.48 10.44 -0.85
N GLY A 199 -1.02 11.65 -0.65
CA GLY A 199 -0.18 12.77 -0.29
C GLY A 199 0.37 12.60 1.11
N VAL A 200 -0.43 12.01 2.01
CA VAL A 200 0.04 11.72 3.36
C VAL A 200 1.12 10.64 3.34
N CYS A 201 0.88 9.58 2.55
CA CYS A 201 1.90 8.58 2.28
C CYS A 201 3.17 9.20 1.70
N MET A 202 3.02 10.07 0.72
CA MET A 202 4.21 10.71 0.17
C MET A 202 4.96 11.51 1.22
N TRP A 203 4.22 12.18 2.11
CA TRP A 203 4.86 12.89 3.21
C TRP A 203 5.63 11.91 4.07
N GLU A 204 4.96 10.82 4.49
CA GLU A 204 5.58 9.76 5.29
C GLU A 204 6.91 9.31 4.73
N ILE A 205 7.03 9.26 3.41
CA ILE A 205 8.23 8.67 2.84
C ILE A 205 9.38 9.65 2.91
N LEU A 206 9.12 10.92 2.61
CA LEU A 206 10.13 11.95 2.78
C LEU A 206 10.53 12.09 4.23
N MET A 207 9.67 11.65 5.14
CA MET A 207 9.91 11.64 6.58
C MET A 207 10.47 10.30 7.07
N HIS A 208 10.77 9.36 6.17
CA HIS A 208 11.47 8.12 6.53
C HIS A 208 10.65 7.28 7.49
N GLY A 209 9.35 7.25 7.28
CA GLY A 209 8.48 6.42 8.09
C GLY A 209 7.95 7.05 9.36
N VAL A 210 8.02 8.38 9.50
CA VAL A 210 7.34 9.03 10.61
C VAL A 210 5.85 9.07 10.31
N LYS A 211 5.03 8.91 11.34
CA LYS A 211 3.57 8.92 11.21
C LYS A 211 3.04 10.35 11.23
N PRO A 212 1.97 10.62 10.46
CA PRO A 212 1.34 11.94 10.52
C PRO A 212 0.63 12.14 11.85
N PHE A 213 0.67 13.38 12.34
CA PHE A 213 -0.09 13.81 13.52
C PHE A 213 0.21 12.94 14.74
N GLN A 214 1.50 12.64 14.91
CA GLN A 214 1.99 11.95 16.10
C GLN A 214 1.58 12.74 17.34
N GLY A 215 1.02 12.06 18.32
CA GLY A 215 0.64 12.69 19.56
C GLY A 215 -0.71 13.41 19.55
N VAL A 216 -1.25 13.70 18.38
CA VAL A 216 -2.59 14.27 18.25
C VAL A 216 -3.62 13.14 18.35
N LYS A 217 -4.77 13.44 18.92
CA LYS A 217 -5.87 12.48 19.04
C LYS A 217 -6.64 12.42 17.73
N ASN A 218 -7.28 11.27 17.48
CA ASN A 218 -7.98 11.05 16.20
C ASN A 218 -9.19 11.97 16.02
N ASN A 219 -9.93 12.23 17.11
CA ASN A 219 -11.17 13.01 17.03
C ASN A 219 -10.90 14.50 16.83
N ASP A 220 -9.66 14.96 17.05
CA ASP A 220 -9.25 16.35 16.83
C ASP A 220 -8.64 16.59 15.45
N VAL A 221 -8.31 15.54 14.71
CA VAL A 221 -7.64 15.73 13.41
C VAL A 221 -8.54 16.50 12.46
N ILE A 222 -9.82 16.09 12.40
CA ILE A 222 -10.75 16.72 11.46
C ILE A 222 -10.86 18.21 11.73
N GLY A 223 -10.79 18.62 12.99
CA GLY A 223 -10.83 20.04 13.31
C GLY A 223 -9.60 20.78 12.80
N ARG A 224 -8.41 20.25 13.10
CA ARG A 224 -7.17 20.86 12.63
C ARG A 224 -7.12 20.94 11.10
N ILE A 225 -7.71 19.96 10.41
CA ILE A 225 -7.71 19.97 8.94
C ILE A 225 -8.75 20.94 8.41
N GLU A 226 -9.91 21.02 9.08
CA GLU A 226 -10.92 22.00 8.70
C GLU A 226 -10.39 23.43 8.85
N ASN A 227 -9.61 23.67 9.90
CA ASN A 227 -9.02 24.99 10.11
C ASN A 227 -7.95 25.33 9.08
N GLY A 228 -7.38 24.33 8.40
CA GLY A 228 -6.42 24.57 7.34
C GLY A 228 -5.01 24.12 7.68
N GLU A 229 -4.74 23.68 8.91
CA GLU A 229 -3.47 23.08 9.25
C GLU A 229 -3.14 21.94 8.26
N ARG A 230 -1.87 21.81 7.91
CA ARG A 230 -1.45 20.75 7.01
C ARG A 230 -0.08 20.29 7.44
N LEU A 231 0.23 19.03 7.12
CA LEU A 231 1.53 18.46 7.43
C LEU A 231 2.63 19.36 6.89
N PRO A 232 3.67 19.64 7.67
CA PRO A 232 4.68 20.60 7.25
C PRO A 232 5.61 20.02 6.21
N MET A 233 6.41 20.90 5.63
CA MET A 233 7.35 20.47 4.61
C MET A 233 8.43 19.63 5.25
N PRO A 234 8.68 18.41 4.76
CA PRO A 234 9.70 17.54 5.37
C PRO A 234 11.09 18.09 5.11
N PRO A 235 11.97 18.00 6.11
CA PRO A 235 13.37 18.39 5.89
C PRO A 235 13.93 17.73 4.63
N ASN A 236 14.48 18.56 3.72
CA ASN A 236 15.15 18.10 2.51
C ASN A 236 14.18 17.48 1.50
N CYS A 237 12.97 17.96 1.49
CA CYS A 237 12.03 17.68 0.43
C CYS A 237 11.96 18.88 -0.50
N PRO A 238 12.09 18.73 -1.81
CA PRO A 238 12.10 19.90 -2.70
C PRO A 238 10.78 20.65 -2.61
N PRO A 239 10.79 21.97 -2.82
CA PRO A 239 9.53 22.73 -2.76
C PRO A 239 8.52 22.29 -3.80
N THR A 240 8.98 21.95 -5.00
CA THR A 240 8.05 21.50 -6.03
C THR A 240 7.34 20.21 -5.62
N LEU A 241 8.00 19.35 -4.83
CA LEU A 241 7.35 18.13 -4.35
C LEU A 241 6.33 18.44 -3.27
N TYR A 242 6.70 19.30 -2.30
CA TYR A 242 5.75 19.69 -1.25
C TYR A 242 4.56 20.42 -1.84
N SER A 243 4.83 21.37 -2.74
CA SER A 243 3.77 21.98 -3.54
C SER A 243 2.83 20.93 -4.09
N LEU A 244 3.39 19.87 -4.69
CA LEU A 244 2.58 18.77 -5.20
C LEU A 244 1.71 18.17 -4.11
N MET A 245 2.32 17.89 -2.95
CA MET A 245 1.56 17.32 -1.83
C MET A 245 0.41 18.23 -1.42
N THR A 246 0.70 19.51 -1.11
CA THR A 246 -0.37 20.40 -0.65
C THR A 246 -1.52 20.47 -1.64
N LYS A 247 -1.27 20.16 -2.91
CA LYS A 247 -2.36 20.15 -3.86
C LYS A 247 -3.22 18.89 -3.73
N CYS A 248 -2.61 17.78 -3.28
CA CYS A 248 -3.38 16.59 -2.91
C CYS A 248 -4.22 16.81 -1.65
N TRP A 249 -3.84 17.80 -0.85
CA TRP A 249 -4.52 18.08 0.40
C TRP A 249 -5.57 19.17 0.30
N ALA A 250 -5.94 19.55 -0.93
CA ALA A 250 -6.94 20.57 -1.11
C ALA A 250 -8.24 20.07 -0.47
N TYR A 251 -8.90 20.95 0.27
CA TYR A 251 -10.14 20.59 0.94
C TYR A 251 -11.18 20.22 -0.08
N ASP A 252 -11.21 20.96 -1.18
CA ASP A 252 -12.16 20.68 -2.23
C ASP A 252 -11.62 19.49 -3.01
N PRO A 253 -12.45 18.40 -3.06
CA PRO A 253 -11.90 17.26 -3.81
C PRO A 253 -11.67 17.59 -5.27
N SER A 254 -12.50 18.47 -5.81
CA SER A 254 -12.44 18.81 -7.22
C SER A 254 -11.12 19.44 -7.62
N ARG A 255 -10.39 20.03 -6.67
CA ARG A 255 -9.13 20.69 -6.95
C ARG A 255 -7.91 19.83 -6.61
N ARG A 256 -8.10 18.54 -6.44
CA ARG A 256 -6.98 17.63 -6.18
C ARG A 256 -6.56 16.99 -7.50
N PRO A 257 -5.26 16.93 -7.78
CA PRO A 257 -4.82 16.30 -9.04
C PRO A 257 -5.39 14.90 -9.19
N ARG A 258 -5.40 14.44 -10.43
CA ARG A 258 -5.70 13.03 -10.66
C ARG A 258 -4.39 12.24 -10.67
N PHE A 259 -4.51 10.94 -10.40
CA PHE A 259 -3.30 10.14 -10.29
C PHE A 259 -2.47 10.19 -11.57
N THR A 260 -3.12 10.35 -12.73
CA THR A 260 -2.36 10.45 -13.97
C THR A 260 -1.51 11.72 -14.01
N GLU A 261 -2.02 12.80 -13.42
CA GLU A 261 -1.24 14.03 -13.37
C GLU A 261 -0.10 13.89 -12.38
N LEU A 262 -0.36 13.21 -11.27
CA LEU A 262 0.66 12.99 -10.25
C LEU A 262 1.82 12.17 -10.82
N LYS A 263 1.51 11.10 -11.55
CA LYS A 263 2.56 10.29 -12.16
C LYS A 263 3.45 11.13 -13.07
N ALA A 264 2.84 11.97 -13.92
CA ALA A 264 3.66 12.76 -14.83
C ALA A 264 4.50 13.77 -14.06
N GLN A 265 3.92 14.41 -13.05
CA GLN A 265 4.68 15.42 -12.31
C GLN A 265 5.81 14.79 -11.50
N LEU A 266 5.53 13.67 -10.82
CA LEU A 266 6.58 12.98 -10.08
C LEU A 266 7.68 12.49 -11.00
N SER A 267 7.34 12.11 -12.23
CA SER A 267 8.35 11.65 -13.18
C SER A 267 9.33 12.77 -13.50
N THR A 268 8.83 13.98 -13.69
CA THR A 268 9.69 15.15 -13.86
C THR A 268 10.51 15.43 -12.61
N ILE A 269 9.86 15.44 -11.44
CA ILE A 269 10.58 15.72 -10.19
C ILE A 269 11.68 14.69 -9.94
N LEU A 270 11.46 13.44 -10.36
CA LEU A 270 12.50 12.43 -10.23
C LEU A 270 13.65 12.69 -11.19
N GLU A 271 13.32 12.86 -12.48
CA GLU A 271 14.32 13.14 -13.50
C GLU A 271 15.28 14.23 -13.05
N GLU A 272 14.74 15.33 -12.52
CA GLU A 272 15.56 16.45 -12.07
C GLU A 272 16.46 16.06 -10.90
N GLU A 273 15.95 15.26 -9.96
CA GLU A 273 16.72 15.00 -8.75
C GLU A 273 17.82 13.98 -9.00
N LYS A 274 17.65 13.09 -9.97
CA LYS A 274 18.58 11.98 -10.09
C LYS A 274 19.92 12.35 -10.77
C4 EUW B . 3.19 -9.21 2.49
C5 EUW B . 3.09 -9.55 1.15
C6 EUW B . 4.25 -9.74 0.41
N1 EUW B . 5.49 -9.59 1.03
N3 EUW B . 4.42 -9.11 3.04
C2 EUW B . 5.56 -9.29 2.33
CAH EUW B . 7.09 -8.97 4.13
CAI EUW B . 6.28 -8.29 5.05
CAJ EUW B . 6.72 -8.11 6.37
CAK EUW B . 7.95 -8.61 6.80
CAL EUW B . 8.73 -9.25 5.87
CAM EUW B . 8.32 -9.45 4.55
CAN EUW B . 8.46 -8.42 8.11
CAP EUW B . 8.56 -10.04 9.85
CAQ EUW B . 8.50 -10.68 11.10
CAR EUW B . 9.62 -11.46 10.75
CAS EUW B . 9.69 -10.83 9.52
CAW EUW B . 7.28 -9.21 12.45
CAX EUW B . 5.77 -9.15 12.74
CAZ EUW B . 4.92 -10.92 14.24
CBA EUW B . 4.44 -12.37 14.37
CBB EUW B . 4.45 -13.20 13.10
CBE EUW B . 1.99 -8.54 4.37
CBF EUW B . 1.25 -7.38 4.69
CBG EUW B . 1.22 -6.90 6.00
CBH EUW B . 1.93 -7.56 7.00
CBI EUW B . 2.66 -8.69 6.69
CBJ EUW B . 2.68 -9.21 5.39
CBK EUW B . 0.51 -6.61 3.78
CBN EUW B . -0.46 -4.49 3.24
NAG EUW B . 6.80 -9.19 2.84
NAO EUW B . 7.81 -9.09 9.26
NAV EUW B . 7.70 -10.60 12.17
NAY EUW B . 5.27 -10.52 13.01
NBD EUW B . 2.01 -9.02 3.11
NBM EUW B . 0.33 -5.35 4.15
OAT EUW B . 10.47 -10.96 8.56
OAU EUW B . 10.29 -12.35 11.31
OBC EUW B . 4.96 -10.20 15.24
OBL EUW B . 0.10 -7.06 2.73
CL1 EUW B . 1.54 -9.69 0.45
#